data_2CIO
#
_entry.id   2CIO
#
_cell.length_a   42.323
_cell.length_b   46.118
_cell.length_c   95.697
_cell.angle_alpha   90.00
_cell.angle_beta   90.00
_cell.angle_gamma   90.00
#
_symmetry.space_group_name_H-M   'P 21 21 21'
#
loop_
_entity.id
_entity.type
_entity.pdbx_description
1 polymer PAPAIN
2 polymer 'INHIBITOR OF CYSTEINE PEPTIDASE'
3 non-polymer GLYCEROL
4 non-polymer 'ACETATE ION'
5 water water
#
loop_
_entity_poly.entity_id
_entity_poly.type
_entity_poly.pdbx_seq_one_letter_code
_entity_poly.pdbx_strand_id
1 'polypeptide(L)'
;IPEYVDWRQKGAVTPVKNQGSCGS(OCS)WAFSAVVTIEGIIKIRTGNLNQYSEQELLDCDRRSYGCNGGYPWSALQLVA
QYGIHYRNTYPYEGVQRYCRSREKGPYAAKTDGVRQVQPYNEGALLYSIANQPVSVVLEAAGKDFQLYRGGIFVGPCGNK
VDHAVAAVGYGPNYILIKNSWGTGWGENGYIRIKRGTGNSYGVCGLYTSSFYPVKN
;
A
2 'polypeptide(L)'
;MSHNLFTEEDNNKTIRMVIGETFTIELESNPTTGYTWLRSGLAGTELSDCTFAIQSKFNNRAPHDNHKNHRRLLVGAGGT
MVLEVKALKAGKHTLSLAYGRPWVGFNAAAKRYNIHVEATA
;
B
#
loop_
_chem_comp.id
_chem_comp.type
_chem_comp.name
_chem_comp.formula
ACT non-polymer 'ACETATE ION' 'C2 H3 O2 -1'
GOL non-polymer GLYCEROL 'C3 H8 O3'
#
# COMPACT_ATOMS: atom_id res chain seq x y z
N ILE A 1 2.53 -2.66 -22.42
CA ILE A 1 3.35 -2.74 -21.17
C ILE A 1 4.12 -4.07 -21.14
N PRO A 2 5.33 -4.09 -20.53
CA PRO A 2 6.21 -5.26 -20.58
C PRO A 2 5.72 -6.44 -19.74
N GLU A 3 6.34 -7.61 -19.92
CA GLU A 3 5.92 -8.82 -19.23
CA GLU A 3 5.89 -8.80 -19.20
C GLU A 3 6.31 -8.83 -17.74
N TYR A 4 7.33 -8.03 -17.39
CA TYR A 4 7.84 -7.94 -16.01
C TYR A 4 7.98 -6.50 -15.56
N VAL A 5 7.53 -6.23 -14.34
CA VAL A 5 7.78 -4.96 -13.68
C VAL A 5 8.10 -5.29 -12.24
N ASP A 6 9.15 -4.67 -11.71
CA ASP A 6 9.44 -4.87 -10.29
C ASP A 6 10.07 -3.60 -9.75
N TRP A 7 9.27 -2.79 -9.05
CA TRP A 7 9.79 -1.51 -8.56
C TRP A 7 10.91 -1.67 -7.55
N ARG A 8 11.03 -2.84 -6.94
CA ARG A 8 12.14 -3.05 -5.99
C ARG A 8 13.46 -2.97 -6.68
N GLN A 9 13.49 -3.48 -7.91
CA GLN A 9 14.74 -3.56 -8.66
CA GLN A 9 14.69 -3.57 -8.75
C GLN A 9 15.14 -2.19 -9.21
N LYS A 10 14.20 -1.27 -9.23
CA LYS A 10 14.47 0.10 -9.66
C LYS A 10 14.74 1.03 -8.47
N GLY A 11 14.95 0.44 -7.28
CA GLY A 11 15.24 1.21 -6.07
C GLY A 11 14.09 2.12 -5.62
N ALA A 12 12.84 1.72 -5.90
CA ALA A 12 11.67 2.55 -5.56
C ALA A 12 10.82 1.99 -4.40
N VAL A 13 11.33 0.96 -3.73
CA VAL A 13 10.62 0.30 -2.63
CA VAL A 13 10.61 0.35 -2.61
C VAL A 13 11.53 0.21 -1.41
N THR A 14 11.03 0.60 -0.26
CA THR A 14 11.79 0.54 0.99
C THR A 14 11.57 -0.83 1.71
N PRO A 15 12.32 -1.10 2.80
CA PRO A 15 12.13 -2.40 3.46
C PRO A 15 10.69 -2.70 3.94
N VAL A 16 10.39 -3.98 4.09
CA VAL A 16 9.08 -4.43 4.57
C VAL A 16 8.88 -4.03 6.02
N LYS A 17 7.66 -3.55 6.29
CA LYS A 17 7.28 -3.04 7.58
C LYS A 17 6.30 -4.00 8.25
N ASN A 18 6.04 -3.74 9.54
CA ASN A 18 5.14 -4.58 10.33
C ASN A 18 4.17 -3.67 11.05
N GLN A 19 2.89 -3.73 10.66
CA GLN A 19 1.90 -2.87 11.28
C GLN A 19 1.64 -3.33 12.73
N GLY A 20 2.01 -4.55 13.07
CA GLY A 20 1.76 -5.06 14.41
C GLY A 20 0.26 -5.24 14.70
N SER A 21 -0.10 -5.10 15.96
CA SER A 21 -1.47 -5.30 16.45
CA SER A 21 -1.47 -5.29 16.44
C SER A 21 -2.26 -3.99 16.33
N CYS A 22 -2.31 -3.45 15.12
CA CYS A 22 -2.99 -2.19 14.83
C CYS A 22 -3.48 -2.30 13.39
N GLY A 23 -4.76 -1.97 13.13
CA GLY A 23 -5.30 -2.02 11.77
C GLY A 23 -4.96 -0.77 10.97
N SER A 24 -3.66 -0.56 10.79
CA SER A 24 -3.14 0.63 10.12
C SER A 24 -2.65 0.32 8.70
N OCS A 25 -3.02 -0.87 8.19
CA OCS A 25 -2.67 -1.25 6.82
CB OCS A 25 -3.44 -2.52 6.39
SG OCS A 25 -5.10 -2.60 7.01
C OCS A 25 -2.88 -0.16 5.78
O OCS A 25 -2.06 0.04 4.86
OD1 OCS A 25 -5.71 -1.33 6.93
OD2 OCS A 25 -5.04 -3.08 8.35
OD3 OCS A 25 -5.77 -3.52 6.17
N TRP A 26 -3.99 0.56 5.91
CA TRP A 26 -4.36 1.59 4.96
C TRP A 26 -3.28 2.67 4.87
N ALA A 27 -2.69 3.01 6.01
CA ALA A 27 -1.61 3.99 6.07
C ALA A 27 -0.30 3.41 5.49
N PHE A 28 -0.04 2.13 5.77
CA PHE A 28 1.14 1.47 5.18
C PHE A 28 1.03 1.44 3.68
N SER A 29 -0.13 1.03 3.20
CA SER A 29 -0.41 0.99 1.76
C SER A 29 -0.19 2.33 1.07
N ALA A 30 -0.78 3.38 1.63
CA ALA A 30 -0.59 4.72 1.08
C ALA A 30 0.91 5.10 1.08
N VAL A 31 1.61 4.84 2.20
CA VAL A 31 3.01 5.22 2.25
C VAL A 31 3.86 4.53 1.18
N VAL A 32 3.57 3.26 0.88
CA VAL A 32 4.36 2.57 -0.16
C VAL A 32 4.26 3.34 -1.49
N THR A 33 3.05 3.80 -1.80
CA THR A 33 2.85 4.50 -3.05
C THR A 33 3.55 5.85 -3.08
N ILE A 34 3.60 6.51 -1.93
CA ILE A 34 4.29 7.80 -1.82
CA ILE A 34 4.30 7.80 -1.80
C ILE A 34 5.81 7.63 -1.93
N GLU A 35 6.35 6.63 -1.24
CA GLU A 35 7.76 6.32 -1.36
C GLU A 35 8.12 6.05 -2.81
N GLY A 36 7.27 5.29 -3.48
CA GLY A 36 7.47 4.99 -4.90
C GLY A 36 7.41 6.20 -5.81
N ILE A 37 6.35 7.03 -5.70
CA ILE A 37 6.23 8.17 -6.63
C ILE A 37 7.32 9.22 -6.40
N ILE A 38 7.73 9.40 -5.14
CA ILE A 38 8.83 10.31 -4.88
C ILE A 38 10.15 9.85 -5.54
N LYS A 39 10.46 8.56 -5.43
CA LYS A 39 11.66 8.03 -6.09
C LYS A 39 11.59 8.22 -7.61
N ILE A 40 10.42 7.93 -8.19
CA ILE A 40 10.26 7.99 -9.65
C ILE A 40 10.42 9.43 -10.13
N ARG A 41 9.83 10.37 -9.40
CA ARG A 41 9.83 11.79 -9.84
C ARG A 41 11.07 12.56 -9.46
N THR A 42 11.74 12.21 -8.35
CA THR A 42 12.86 13.01 -7.83
C THR A 42 14.19 12.25 -7.83
N GLY A 43 14.13 10.92 -7.98
CA GLY A 43 15.32 10.09 -7.89
C GLY A 43 15.81 9.75 -6.49
N ASN A 44 15.05 10.15 -5.47
CA ASN A 44 15.40 9.84 -4.08
C ASN A 44 14.42 8.88 -3.46
N LEU A 45 14.95 7.82 -2.85
CA LEU A 45 14.12 6.90 -2.07
C LEU A 45 14.20 7.27 -0.59
N ASN A 46 13.07 7.60 -0.02
CA ASN A 46 12.98 7.95 1.40
C ASN A 46 11.84 7.12 2.00
N GLN A 47 11.87 6.97 3.32
CA GLN A 47 10.73 6.41 4.06
C GLN A 47 9.86 7.53 4.60
N TYR A 48 8.55 7.37 4.43
CA TYR A 48 7.58 8.36 4.91
C TYR A 48 6.71 7.81 6.02
N SER A 49 5.99 8.69 6.72
CA SER A 49 5.39 8.33 7.99
C SER A 49 3.99 7.72 7.93
N GLU A 50 3.90 6.41 8.16
CA GLU A 50 2.57 5.79 8.37
C GLU A 50 1.89 6.38 9.62
N GLN A 51 2.68 6.63 10.68
CA GLN A 51 2.12 7.09 11.95
C GLN A 51 1.37 8.43 11.79
N GLU A 52 1.88 9.27 10.92
CA GLU A 52 1.27 10.58 10.70
C GLU A 52 -0.11 10.40 10.11
N LEU A 53 -0.22 9.47 9.16
CA LEU A 53 -1.52 9.20 8.56
C LEU A 53 -2.44 8.60 9.61
N LEU A 54 -1.91 7.67 10.43
CA LEU A 54 -2.69 7.04 11.48
C LEU A 54 -3.27 8.10 12.44
N ASP A 55 -2.44 9.07 12.81
CA ASP A 55 -2.82 10.04 13.84
C ASP A 55 -3.64 11.17 13.22
N CYS A 56 -3.43 11.46 11.95
CA CYS A 56 -3.94 12.71 11.34
C CYS A 56 -5.09 12.57 10.35
N ASP A 57 -5.20 11.43 9.69
CA ASP A 57 -6.34 11.24 8.78
C ASP A 57 -7.56 10.79 9.59
N ARG A 58 -8.35 11.77 10.06
CA ARG A 58 -9.47 11.44 10.94
C ARG A 58 -10.77 11.04 10.21
N ARG A 59 -10.70 10.93 8.87
CA ARG A 59 -11.76 10.26 8.11
C ARG A 59 -11.62 8.75 8.27
N SER A 60 -10.37 8.32 8.48
CA SER A 60 -10.11 6.94 8.82
C SER A 60 -10.24 6.71 10.32
N TYR A 61 -10.06 5.46 10.76
CA TYR A 61 -10.38 5.06 12.11
C TYR A 61 -9.19 4.53 12.91
N GLY A 62 -8.04 5.10 12.64
CA GLY A 62 -6.85 4.77 13.42
C GLY A 62 -6.51 3.29 13.28
N CYS A 63 -6.30 2.64 14.43
CA CYS A 63 -6.00 1.22 14.47
C CYS A 63 -7.21 0.33 14.20
N ASN A 64 -8.38 0.92 13.97
CA ASN A 64 -9.57 0.14 13.58
C ASN A 64 -9.84 0.12 12.05
N GLY A 65 -8.85 0.52 11.27
CA GLY A 65 -9.02 0.51 9.82
C GLY A 65 -9.20 1.89 9.26
N GLY A 66 -9.25 1.99 7.94
CA GLY A 66 -9.24 3.27 7.24
C GLY A 66 -9.15 3.16 5.75
N TYR A 67 -8.87 4.29 5.10
CA TYR A 67 -9.02 4.43 3.66
C TYR A 67 -7.76 4.91 3.00
N PRO A 68 -7.11 4.07 2.19
CA PRO A 68 -5.92 4.54 1.50
C PRO A 68 -6.12 5.83 0.70
N TRP A 69 -7.30 6.00 0.06
CA TRP A 69 -7.48 7.19 -0.76
C TRP A 69 -7.59 8.48 0.08
N SER A 70 -8.16 8.33 1.27
CA SER A 70 -8.23 9.44 2.24
CA SER A 70 -8.23 9.44 2.22
C SER A 70 -6.83 9.80 2.73
N ALA A 71 -6.02 8.79 3.05
CA ALA A 71 -4.63 9.06 3.39
C ALA A 71 -3.88 9.78 2.27
N LEU A 72 -4.08 9.33 1.02
CA LEU A 72 -3.39 9.92 -0.10
C LEU A 72 -3.80 11.37 -0.38
N GLN A 73 -5.04 11.68 -0.13
CA GLN A 73 -5.49 13.07 -0.27
CA GLN A 73 -5.46 13.07 -0.30
C GLN A 73 -4.89 14.01 0.78
N LEU A 74 -4.64 13.48 1.98
CA LEU A 74 -3.99 14.26 3.04
CA LEU A 74 -3.98 14.25 3.05
C LEU A 74 -2.60 14.71 2.61
N VAL A 75 -1.85 13.79 1.99
CA VAL A 75 -0.49 14.09 1.56
C VAL A 75 -0.46 15.14 0.43
N ALA A 76 -1.49 15.16 -0.42
CA ALA A 76 -1.52 16.10 -1.56
C ALA A 76 -1.99 17.50 -1.19
N GLN A 77 -2.97 17.52 -0.28
CA GLN A 77 -3.67 18.72 0.17
C GLN A 77 -3.18 19.24 1.50
N TYR A 78 -2.45 18.39 2.22
CA TYR A 78 -1.55 18.85 3.26
C TYR A 78 -0.11 18.44 2.89
N GLY A 79 0.33 17.25 3.30
CA GLY A 79 1.72 16.79 3.03
C GLY A 79 2.03 15.61 3.99
N ILE A 80 3.30 15.20 4.04
CA ILE A 80 3.76 14.09 4.91
C ILE A 80 5.24 14.25 5.32
N HIS A 81 5.56 13.81 6.54
CA HIS A 81 6.89 13.85 7.07
C HIS A 81 7.65 12.56 6.80
N TYR A 82 8.97 12.62 6.93
CA TYR A 82 9.81 11.42 6.91
C TYR A 82 9.46 10.48 8.06
N ARG A 83 9.64 9.18 7.84
CA ARG A 83 9.44 8.20 8.89
C ARG A 83 10.32 8.46 10.10
N ASN A 84 11.57 8.87 9.86
N ASN A 84 11.57 8.87 9.88
CA ASN A 84 12.50 9.16 10.96
CA ASN A 84 12.48 9.10 11.00
C ASN A 84 11.93 10.25 11.88
C ASN A 84 12.13 10.35 11.82
N THR A 85 11.30 11.22 11.26
CA THR A 85 10.77 12.36 12.01
C THR A 85 9.49 11.98 12.77
N TYR A 86 8.74 11.03 12.22
CA TYR A 86 7.42 10.69 12.76
C TYR A 86 7.28 9.15 12.64
N PRO A 87 8.04 8.44 13.50
CA PRO A 87 8.14 6.99 13.37
C PRO A 87 6.91 6.23 13.84
N TYR A 88 6.88 4.96 13.47
CA TYR A 88 5.72 4.15 13.74
C TYR A 88 5.68 3.64 15.16
N GLU A 89 4.51 3.80 15.78
CA GLU A 89 4.34 3.40 17.19
C GLU A 89 3.33 2.28 17.38
N GLY A 90 2.46 2.08 16.40
CA GLY A 90 1.49 0.97 16.49
C GLY A 90 0.28 1.25 17.36
N VAL A 91 0.09 2.52 17.71
CA VAL A 91 -1.08 2.98 18.47
CA VAL A 91 -1.09 2.99 18.46
C VAL A 91 -1.44 4.38 17.96
N GLN A 92 -2.72 4.69 17.84
CA GLN A 92 -3.08 6.03 17.39
C GLN A 92 -2.89 7.02 18.54
N ARG A 93 -2.25 8.14 18.23
CA ARG A 93 -2.03 9.22 19.19
C ARG A 93 -2.50 10.52 18.53
N TYR A 94 -2.25 11.64 19.15
CA TYR A 94 -2.65 12.89 18.56
C TYR A 94 -1.78 13.22 17.34
N CYS A 95 -2.35 14.03 16.45
CA CYS A 95 -1.68 14.45 15.27
C CYS A 95 -0.58 15.41 15.67
N ARG A 96 0.66 15.05 15.33
CA ARG A 96 1.84 15.82 15.69
C ARG A 96 2.53 16.51 14.49
N SER A 97 1.82 16.61 13.36
CA SER A 97 2.40 17.23 12.16
C SER A 97 2.95 18.62 12.39
N ARG A 98 2.20 19.45 13.12
CA ARG A 98 2.63 20.83 13.36
CA ARG A 98 2.62 20.83 13.35
C ARG A 98 3.86 20.89 14.21
N GLU A 99 3.92 20.00 15.21
CA GLU A 99 5.00 19.93 16.20
CA GLU A 99 5.03 20.01 16.17
C GLU A 99 6.32 19.46 15.58
N LYS A 100 6.22 18.80 14.42
CA LYS A 100 7.39 18.21 13.80
C LYS A 100 7.95 18.96 12.61
N GLY A 101 7.58 20.23 12.49
CA GLY A 101 8.15 21.10 11.47
C GLY A 101 7.53 20.90 10.11
N PRO A 102 8.09 21.57 9.08
CA PRO A 102 7.43 21.49 7.76
C PRO A 102 7.46 20.06 7.19
N TYR A 103 6.47 19.78 6.36
CA TYR A 103 6.39 18.50 5.63
C TYR A 103 7.68 18.20 4.85
N ALA A 104 7.90 16.93 4.56
CA ALA A 104 9.08 16.48 3.81
C ALA A 104 8.75 16.30 2.34
N ALA A 105 7.51 15.93 2.07
CA ALA A 105 7.08 15.65 0.72
C ALA A 105 5.61 15.98 0.57
N LYS A 106 5.25 16.36 -0.64
CA LYS A 106 3.89 16.68 -0.94
C LYS A 106 3.62 16.09 -2.28
N THR A 107 2.38 15.66 -2.47
CA THR A 107 1.95 15.19 -3.76
C THR A 107 1.05 16.24 -4.36
N ASP A 108 0.78 16.09 -5.66
CA ASP A 108 -0.07 17.02 -6.37
C ASP A 108 -1.47 16.49 -6.57
N GLY A 109 -1.78 15.31 -5.99
CA GLY A 109 -3.13 14.71 -6.06
C GLY A 109 -3.20 13.19 -5.90
N VAL A 110 -4.42 12.64 -6.04
CA VAL A 110 -4.69 11.19 -6.03
C VAL A 110 -5.59 10.81 -7.22
N ARG A 111 -5.29 9.67 -7.85
CA ARG A 111 -6.19 9.15 -8.86
C ARG A 111 -6.57 7.72 -8.55
N GLN A 112 -7.79 7.36 -8.92
CA GLN A 112 -8.24 5.98 -8.86
C GLN A 112 -8.03 5.20 -10.17
N VAL A 113 -7.59 3.93 -10.04
CA VAL A 113 -7.58 2.98 -11.16
C VAL A 113 -9.01 2.53 -11.55
N GLN A 114 -9.28 2.38 -12.85
CA GLN A 114 -10.57 1.81 -13.24
C GLN A 114 -10.77 0.47 -12.55
N PRO A 115 -11.85 0.31 -11.75
CA PRO A 115 -12.03 -0.95 -11.02
C PRO A 115 -12.39 -2.18 -11.85
N TYR A 116 -12.17 -3.36 -11.26
CA TYR A 116 -12.53 -4.68 -11.82
C TYR A 116 -11.96 -4.88 -13.22
N ASN A 117 -10.71 -4.46 -13.40
CA ASN A 117 -10.10 -4.33 -14.70
C ASN A 117 -8.61 -4.62 -14.54
N GLU A 118 -8.24 -5.87 -14.82
CA GLU A 118 -6.85 -6.30 -14.67
C GLU A 118 -5.85 -5.46 -15.45
N GLY A 119 -6.11 -5.22 -16.75
CA GLY A 119 -5.19 -4.41 -17.54
C GLY A 119 -4.97 -2.99 -17.01
N ALA A 120 -6.06 -2.36 -16.54
CA ALA A 120 -5.98 -1.02 -15.96
C ALA A 120 -5.06 -1.00 -14.74
N LEU A 121 -5.22 -2.02 -13.89
CA LEU A 121 -4.33 -2.18 -12.71
C LEU A 121 -2.89 -2.44 -13.14
N LEU A 122 -2.67 -3.38 -14.07
CA LEU A 122 -1.33 -3.61 -14.56
C LEU A 122 -0.70 -2.37 -15.21
N TYR A 123 -1.50 -1.62 -15.97
CA TYR A 123 -0.96 -0.45 -16.66
C TYR A 123 -0.49 0.58 -15.60
N SER A 124 -1.27 0.66 -14.55
CA SER A 124 -0.94 1.59 -13.45
C SER A 124 0.35 1.14 -12.77
N ILE A 125 0.42 -0.15 -12.46
CA ILE A 125 1.63 -0.69 -11.84
C ILE A 125 2.86 -0.46 -12.71
N ALA A 126 2.72 -0.56 -14.05
CA ALA A 126 3.88 -0.30 -14.88
C ALA A 126 4.39 1.12 -14.78
N ASN A 127 3.52 2.03 -14.31
CA ASN A 127 3.91 3.43 -14.11
C ASN A 127 4.42 3.77 -12.70
N GLN A 128 3.90 3.06 -11.70
CA GLN A 128 4.23 3.33 -10.28
C GLN A 128 3.52 2.34 -9.33
N PRO A 129 4.06 2.17 -8.10
CA PRO A 129 3.33 1.36 -7.15
C PRO A 129 1.90 1.87 -6.88
N VAL A 130 1.00 0.92 -6.60
CA VAL A 130 -0.43 1.22 -6.52
C VAL A 130 -0.98 0.62 -5.23
N SER A 131 -1.80 1.40 -4.52
CA SER A 131 -2.49 0.91 -3.36
C SER A 131 -3.66 0.06 -3.81
N VAL A 132 -3.78 -1.14 -3.25
CA VAL A 132 -4.82 -2.11 -3.58
C VAL A 132 -5.39 -2.73 -2.33
N VAL A 133 -6.58 -3.32 -2.46
CA VAL A 133 -7.21 -3.98 -1.36
CA VAL A 133 -7.22 -3.98 -1.36
C VAL A 133 -7.51 -5.44 -1.70
N LEU A 134 -7.63 -6.27 -0.67
CA LEU A 134 -7.93 -7.71 -0.84
C LEU A 134 -8.57 -8.34 0.40
N GLU A 135 -9.14 -9.52 0.24
CA GLU A 135 -9.62 -10.25 1.38
C GLU A 135 -8.50 -11.06 2.00
N ALA A 136 -8.14 -10.70 3.25
CA ALA A 136 -7.05 -11.32 4.00
C ALA A 136 -7.46 -12.17 5.19
N ALA A 137 -8.77 -12.24 5.47
CA ALA A 137 -9.27 -12.95 6.65
C ALA A 137 -9.15 -14.47 6.60
N GLY A 138 -9.06 -15.03 5.39
CA GLY A 138 -8.98 -16.48 5.27
C GLY A 138 -7.66 -17.02 5.79
N LYS A 139 -7.68 -18.23 6.35
CA LYS A 139 -6.45 -18.87 6.83
C LYS A 139 -5.44 -19.03 5.70
N ASP A 140 -5.91 -19.20 4.46
CA ASP A 140 -4.98 -19.42 3.34
C ASP A 140 -4.07 -18.22 3.10
N PHE A 141 -4.67 -17.03 3.14
CA PHE A 141 -3.85 -15.82 3.05
C PHE A 141 -2.97 -15.63 4.30
N GLN A 142 -3.54 -15.83 5.48
CA GLN A 142 -2.79 -15.62 6.73
C GLN A 142 -1.59 -16.53 6.82
N LEU A 143 -1.72 -17.74 6.29
CA LEU A 143 -0.70 -18.76 6.43
C LEU A 143 0.21 -18.88 5.21
N TYR A 144 0.01 -18.01 4.21
CA TYR A 144 0.83 -18.00 3.01
C TYR A 144 2.30 -17.85 3.36
N ARG A 145 3.12 -18.72 2.79
CA ARG A 145 4.57 -18.85 3.05
CA ARG A 145 4.57 -18.64 3.06
C ARG A 145 5.41 -18.61 1.79
N GLY A 146 4.76 -18.53 0.65
CA GLY A 146 5.47 -18.43 -0.63
C GLY A 146 4.78 -19.16 -1.76
N GLY A 147 5.19 -18.82 -2.99
CA GLY A 147 4.59 -19.36 -4.22
C GLY A 147 3.57 -18.41 -4.79
N ILE A 148 2.94 -18.82 -5.89
CA ILE A 148 1.86 -18.05 -6.47
C ILE A 148 0.57 -18.39 -5.74
N PHE A 149 0.05 -17.41 -5.02
CA PHE A 149 -1.16 -17.57 -4.24
C PHE A 149 -2.41 -17.49 -5.11
N VAL A 150 -3.20 -18.56 -5.09
CA VAL A 150 -4.39 -18.61 -5.94
C VAL A 150 -5.66 -18.50 -5.12
N GLY A 151 -5.49 -18.37 -3.81
CA GLY A 151 -6.61 -18.48 -2.88
C GLY A 151 -6.48 -19.84 -2.22
N PRO A 152 -7.62 -20.45 -1.84
CA PRO A 152 -8.97 -19.95 -1.97
C PRO A 152 -9.23 -18.68 -1.16
N CYS A 153 -10.10 -17.84 -1.69
CA CYS A 153 -10.55 -16.63 -1.01
C CYS A 153 -11.80 -16.10 -1.68
N GLY A 154 -12.56 -15.28 -0.96
CA GLY A 154 -13.66 -14.52 -1.56
C GLY A 154 -13.25 -13.12 -2.02
N ASN A 155 -14.24 -12.24 -2.21
CA ASN A 155 -14.05 -10.90 -2.76
CA ASN A 155 -14.00 -10.89 -2.74
C ASN A 155 -14.38 -9.78 -1.76
N LYS A 156 -14.55 -10.16 -0.50
CA LYS A 156 -14.95 -9.25 0.56
C LYS A 156 -13.71 -8.59 1.19
N VAL A 157 -13.24 -7.57 0.50
CA VAL A 157 -11.94 -6.96 0.83
C VAL A 157 -11.90 -6.46 2.29
N ASP A 158 -10.73 -6.54 2.93
CA ASP A 158 -10.61 -6.17 4.36
C ASP A 158 -9.18 -5.81 4.71
N HIS A 159 -8.36 -5.62 3.69
CA HIS A 159 -6.91 -5.49 3.93
C HIS A 159 -6.32 -4.66 2.83
N ALA A 160 -5.60 -3.61 3.19
CA ALA A 160 -4.97 -2.73 2.25
C ALA A 160 -3.47 -3.01 2.21
N VAL A 161 -3.01 -3.17 0.98
CA VAL A 161 -1.59 -3.46 0.68
C VAL A 161 -1.14 -2.65 -0.54
N ALA A 162 0.05 -2.95 -1.08
CA ALA A 162 0.50 -2.16 -2.24
C ALA A 162 1.07 -3.08 -3.31
N ALA A 163 0.71 -2.82 -4.56
CA ALA A 163 1.26 -3.60 -5.67
C ALA A 163 2.50 -2.89 -6.18
N VAL A 164 3.60 -3.62 -6.25
CA VAL A 164 4.89 -3.04 -6.62
C VAL A 164 5.50 -3.70 -7.84
N GLY A 165 4.72 -4.57 -8.51
CA GLY A 165 5.20 -5.24 -9.72
C GLY A 165 4.24 -6.29 -10.19
N TYR A 166 4.66 -7.00 -11.24
CA TYR A 166 3.87 -8.11 -11.78
C TYR A 166 4.78 -8.91 -12.71
N GLY A 167 4.30 -10.09 -13.04
CA GLY A 167 4.94 -10.93 -14.06
C GLY A 167 3.87 -11.77 -14.72
N PRO A 168 4.29 -12.73 -15.55
CA PRO A 168 3.33 -13.55 -16.30
C PRO A 168 2.17 -14.15 -15.53
N ASN A 169 2.40 -14.67 -14.34
CA ASN A 169 1.28 -15.31 -13.66
C ASN A 169 0.87 -14.66 -12.37
N TYR A 170 1.42 -13.47 -12.07
CA TYR A 170 1.15 -12.85 -10.75
C TYR A 170 1.21 -11.32 -10.75
N ILE A 171 0.63 -10.75 -9.69
CA ILE A 171 0.88 -9.38 -9.27
C ILE A 171 1.67 -9.47 -7.96
N LEU A 172 2.72 -8.65 -7.87
CA LEU A 172 3.63 -8.67 -6.74
C LEU A 172 3.17 -7.60 -5.76
N ILE A 173 2.91 -8.03 -4.53
CA ILE A 173 2.32 -7.22 -3.46
CA ILE A 173 2.40 -7.13 -3.52
C ILE A 173 3.27 -7.11 -2.28
N LYS A 174 3.46 -5.87 -1.78
CA LYS A 174 4.18 -5.63 -0.53
C LYS A 174 3.16 -5.59 0.59
N ASN A 175 3.22 -6.56 1.49
CA ASN A 175 2.37 -6.56 2.68
C ASN A 175 3.10 -5.88 3.87
N SER A 176 2.35 -5.63 4.94
CA SER A 176 2.87 -4.92 6.12
C SER A 176 2.75 -5.80 7.38
N TRP A 177 3.07 -7.09 7.20
CA TRP A 177 3.00 -8.09 8.29
C TRP A 177 4.39 -8.58 8.69
N GLY A 178 5.41 -7.81 8.34
CA GLY A 178 6.76 -8.20 8.73
C GLY A 178 7.39 -9.09 7.68
N THR A 179 8.69 -9.34 7.83
CA THR A 179 9.39 -10.05 6.77
C THR A 179 9.29 -11.59 6.86
N GLY A 180 8.72 -12.12 7.95
CA GLY A 180 8.51 -13.56 8.11
C GLY A 180 7.31 -14.08 7.34
N TRP A 181 6.36 -13.20 7.06
CA TRP A 181 5.16 -13.62 6.33
C TRP A 181 5.45 -13.70 4.85
N GLY A 182 4.87 -14.68 4.16
CA GLY A 182 4.94 -14.75 2.71
C GLY A 182 6.37 -14.92 2.20
N GLU A 183 6.64 -14.28 1.06
CA GLU A 183 7.97 -14.33 0.45
C GLU A 183 8.70 -13.10 0.91
N ASN A 184 9.35 -13.23 2.07
CA ASN A 184 10.10 -12.10 2.65
C ASN A 184 9.22 -10.86 2.82
N GLY A 185 7.94 -11.09 3.09
CA GLY A 185 6.98 -10.01 3.39
C GLY A 185 6.11 -9.64 2.22
N TYR A 186 6.43 -10.22 1.06
CA TYR A 186 5.68 -10.03 -0.19
C TYR A 186 4.78 -11.22 -0.49
N ILE A 187 3.82 -10.99 -1.38
CA ILE A 187 3.01 -12.09 -1.92
C ILE A 187 2.88 -11.93 -3.43
N ARG A 188 2.97 -13.05 -4.15
CA ARG A 188 2.68 -13.05 -5.57
C ARG A 188 1.30 -13.63 -5.72
N ILE A 189 0.35 -12.79 -6.10
CA ILE A 189 -1.02 -13.24 -6.25
C ILE A 189 -1.34 -13.58 -7.70
N LYS A 190 -1.95 -14.74 -7.91
CA LYS A 190 -2.24 -15.17 -9.27
C LYS A 190 -3.03 -14.10 -10.04
N ARG A 191 -2.67 -13.89 -11.29
CA ARG A 191 -3.44 -13.02 -12.17
C ARG A 191 -3.73 -13.78 -13.47
N GLY A 192 -4.51 -13.15 -14.33
CA GLY A 192 -4.64 -13.58 -15.72
C GLY A 192 -5.91 -14.34 -16.02
N THR A 193 -6.40 -15.07 -15.03
CA THR A 193 -7.56 -15.95 -15.19
C THR A 193 -8.84 -15.20 -15.64
N GLY A 194 -9.99 -15.84 -15.54
CA GLY A 194 -11.24 -15.21 -15.98
C GLY A 194 -12.01 -14.54 -14.85
N ASN A 195 -11.34 -13.67 -14.10
CA ASN A 195 -11.89 -13.17 -12.85
C ASN A 195 -11.84 -11.63 -12.68
N SER A 196 -12.97 -10.98 -12.92
CA SER A 196 -13.05 -9.51 -12.94
C SER A 196 -12.85 -8.83 -11.58
N TYR A 197 -13.19 -9.54 -10.50
CA TYR A 197 -12.92 -9.04 -9.16
CA TYR A 197 -12.93 -9.14 -9.11
C TYR A 197 -11.45 -9.18 -8.77
N GLY A 198 -10.76 -10.12 -9.43
CA GLY A 198 -9.41 -10.50 -9.07
C GLY A 198 -9.39 -11.52 -7.97
N VAL A 199 -8.28 -12.25 -7.82
CA VAL A 199 -8.09 -13.17 -6.72
C VAL A 199 -8.16 -12.40 -5.40
N CYS A 200 -8.98 -12.91 -4.49
CA CYS A 200 -9.27 -12.29 -3.18
C CYS A 200 -9.83 -10.87 -3.34
N GLY A 201 -10.48 -10.58 -4.47
CA GLY A 201 -11.05 -9.26 -4.70
C GLY A 201 -10.02 -8.17 -4.96
N LEU A 202 -8.84 -8.57 -5.43
CA LEU A 202 -7.74 -7.64 -5.66
C LEU A 202 -8.02 -6.44 -6.56
N TYR A 203 -9.03 -6.51 -7.44
CA TYR A 203 -9.27 -5.39 -8.38
C TYR A 203 -10.36 -4.42 -7.91
N THR A 204 -10.77 -4.58 -6.66
CA THR A 204 -11.93 -3.84 -6.11
C THR A 204 -11.72 -2.33 -5.99
N SER A 205 -10.56 -1.90 -5.47
CA SER A 205 -10.38 -0.49 -5.16
C SER A 205 -8.92 -0.13 -5.05
N SER A 206 -8.41 0.54 -6.07
CA SER A 206 -6.99 0.78 -6.26
C SER A 206 -6.70 2.24 -6.54
N PHE A 207 -5.74 2.82 -5.81
CA PHE A 207 -5.37 4.24 -5.96
C PHE A 207 -3.88 4.45 -6.05
N TYR A 208 -3.51 5.60 -6.61
CA TYR A 208 -2.14 6.07 -6.68
C TYR A 208 -2.03 7.59 -6.58
N PRO A 209 -0.93 8.07 -5.99
CA PRO A 209 -0.65 9.51 -5.89
C PRO A 209 -0.24 10.10 -7.25
N VAL A 210 -0.54 11.37 -7.44
CA VAL A 210 -0.08 12.14 -8.59
C VAL A 210 0.96 13.17 -8.15
N LYS A 211 2.03 13.28 -8.92
CA LYS A 211 3.11 14.22 -8.73
C LYS A 211 3.78 14.19 -10.12
N ASN A 212 4.51 15.21 -10.57
CA ASN A 212 4.59 16.55 -10.01
C ASN A 212 4.36 17.65 -11.07
N GLY B 78 -10.40 0.59 1.74
CA GLY B 78 -10.85 -0.13 2.99
C GLY B 78 -9.75 -0.86 3.74
N GLY B 79 -10.16 -1.78 4.61
CA GLY B 79 -9.23 -2.53 5.44
C GLY B 79 -8.97 -1.83 6.76
N THR B 80 -9.22 -2.41 7.82
N LEU B 95 -6.35 -5.61 7.75
CA LEU B 95 -6.42 -6.75 8.69
C LEU B 95 -5.07 -6.91 9.40
N SER B 96 -5.10 -7.24 10.69
CA SER B 96 -3.88 -7.62 11.40
C SER B 96 -3.64 -9.12 11.21
N LEU B 97 -2.39 -9.56 11.30
CA LEU B 97 -2.07 -11.00 11.18
C LEU B 97 -2.50 -11.75 12.44
N ALA B 98 -2.47 -11.18 13.54
C1 GOL C . 12.44 -5.20 0.44
O1 GOL C . 11.22 -4.50 0.57
C2 GOL C . 13.46 -4.19 -0.08
O2 GOL C . 13.09 -3.81 -1.39
C3 GOL C . 14.86 -4.79 -0.06
O3 GOL C . 15.21 -5.08 1.29
C1 GOL D . -7.38 15.40 3.36
O1 GOL D . -8.58 14.99 2.71
C2 GOL D . -7.71 15.62 4.82
O2 GOL D . -7.41 16.93 5.23
C3 GOL D . -7.00 14.58 5.68
O3 GOL D . -6.18 15.17 6.65
C ACT E . 8.58 -1.71 11.18
C ACT E . 8.46 -1.84 11.19
O ACT E . 8.73 -2.95 11.10
O ACT E . 9.14 -2.82 10.85
OXT ACT E . 7.38 -1.25 11.05
OXT ACT E . 7.78 -1.31 10.25
CH3 ACT E . 9.79 -0.85 11.39
CH3 ACT E . 8.42 -1.33 12.61
C ACT F . -15.97 13.38 5.23
O ACT F . -16.75 14.27 5.64
OXT ACT F . -15.13 13.78 4.41
CH3 ACT F . -16.06 11.95 5.65
C ACT G . -4.20 18.00 9.65
O ACT G . -4.26 19.05 8.98
OXT ACT G . -3.38 18.01 10.59
CH3 ACT G . -5.05 16.80 9.35
#